data_5SAM
#
_entry.id   5SAM
#
_cell.length_a   45.340
_cell.length_b   73.270
_cell.length_c   52.970
_cell.angle_alpha   90.000
_cell.angle_beta   109.759
_cell.angle_gamma   90.000
#
_symmetry.space_group_name_H-M   'P 1 21 1'
#
loop_
_entity.id
_entity.type
_entity.pdbx_description
1 polymer Endothiapepsin
2 non-polymer GLYCEROL
3 non-polymer 3-amino-1H-isoindol-1-one
4 non-polymer 'DIMETHYL SULFOXIDE'
5 water water
#
_entity_poly.entity_id   1
_entity_poly.type   'polypeptide(L)'
_entity_poly.pdbx_seq_one_letter_code
;MSSPLKNALVTAMLAGGALSSPTKQHVGIPVNASPEVGPGKYSFKQVRNPNYKFNGPLSVKKTYLKYGVPIPAWLEDAVQ
NSTSGLAERSTGSATTTPIDSLDDAYITPVQIGTPAQTLNLDFDTGSSDLWVFSSETTASEVDGQTIYTPSKSTTAKLLS
GATWSISYGDGSSSSGDVYTDTVSVGGLTVTGQAVESAKKVSSSFTEDSTIDGLLGLAFSTLNTVSPTQQKTFFDNAKAS
LDSPVFTADLGYHAPGTYNFGFIDTTAYTGSITYTAVSTKQGFWEWTSTGYAVGSGTFKSTSIDGIADTGTTLLYLPATV
VSAYWAQVSGAKSSSSVGGYVFPCSATLPSFTFGVGSARIVIPGDYIDFGPISTGSSSCFGGIQSSAGIGINIFGDVALK
AAFVVFNGATTPTLGFASK
;
_entity_poly.pdbx_strand_id   A
#
loop_
_chem_comp.id
_chem_comp.type
_chem_comp.name
_chem_comp.formula
DMS non-polymer 'DIMETHYL SULFOXIDE' 'C2 H6 O S'
GOL non-polymer GLYCEROL 'C3 H8 O3'
ZS7 non-polymer 3-amino-1H-isoindol-1-one 'C8 H6 N2 O'
#
# COMPACT_ATOMS: atom_id res chain seq x y z
N SER A 90 -13.57 -11.19 -16.80
CA SER A 90 -12.10 -11.45 -16.75
C SER A 90 -11.61 -11.43 -15.32
N THR A 91 -10.39 -11.92 -15.14
CA THR A 91 -9.70 -11.85 -13.85
C THR A 91 -8.20 -11.69 -14.11
N GLY A 92 -7.48 -11.31 -13.05
CA GLY A 92 -6.03 -11.34 -13.06
C GLY A 92 -5.51 -11.77 -11.70
N SER A 93 -4.29 -12.28 -11.69
CA SER A 93 -3.65 -12.75 -10.46
C SER A 93 -2.15 -12.59 -10.62
N ALA A 94 -1.53 -11.81 -9.74
CA ALA A 94 -0.10 -11.56 -9.81
C ALA A 94 0.53 -11.69 -8.42
N THR A 95 1.74 -12.22 -8.39
CA THR A 95 2.48 -12.34 -7.15
C THR A 95 3.13 -11.02 -6.82
N THR A 96 3.09 -10.67 -5.54
CA THR A 96 3.74 -9.48 -5.02
C THR A 96 4.83 -9.89 -4.04
N THR A 97 5.98 -9.21 -4.11
CA THR A 97 7.19 -9.68 -3.46
C THR A 97 7.78 -8.55 -2.62
N PRO A 98 8.17 -8.80 -1.37
CA PRO A 98 8.82 -7.74 -0.59
CA PRO A 98 8.82 -7.74 -0.58
C PRO A 98 10.10 -7.28 -1.26
N ILE A 99 10.37 -5.97 -1.17
CA ILE A 99 11.57 -5.44 -1.81
C ILE A 99 12.83 -5.68 -1.01
N ASP A 100 12.72 -6.04 0.27
CA ASP A 100 13.85 -6.16 1.15
C ASP A 100 13.44 -7.03 2.33
N SER A 101 14.40 -7.28 3.23
CA SER A 101 14.21 -8.22 4.32
C SER A 101 13.29 -7.69 5.40
N LEU A 102 12.89 -6.42 5.33
CA LEU A 102 12.01 -5.80 6.31
C LEU A 102 10.58 -5.64 5.81
N ASP A 103 10.28 -6.07 4.59
CA ASP A 103 8.96 -5.82 4.01
C ASP A 103 8.69 -4.30 3.92
N ASP A 104 9.70 -3.53 3.54
CA ASP A 104 9.49 -2.08 3.47
C ASP A 104 8.45 -1.70 2.42
N ALA A 105 8.30 -2.51 1.38
CA ALA A 105 7.30 -2.30 0.35
C ALA A 105 7.26 -3.60 -0.44
N TYR A 106 6.31 -3.69 -1.35
CA TYR A 106 6.07 -4.87 -2.17
C TYR A 106 6.01 -4.45 -3.62
N ILE A 107 6.61 -5.26 -4.49
CA ILE A 107 6.60 -5.01 -5.93
C ILE A 107 5.90 -6.13 -6.67
N THR A 108 5.16 -5.73 -7.71
CA THR A 108 4.36 -6.63 -8.51
C THR A 108 4.69 -6.38 -9.97
N PRO A 109 4.97 -7.42 -10.76
CA PRO A 109 5.32 -7.18 -12.18
C PRO A 109 4.11 -6.76 -12.99
N VAL A 110 4.30 -5.78 -13.86
CA VAL A 110 3.24 -5.20 -14.68
C VAL A 110 3.78 -5.09 -16.10
N GLN A 111 2.99 -5.57 -17.06
CA GLN A 111 3.35 -5.48 -18.47
C GLN A 111 2.76 -4.22 -19.07
N ILE A 112 3.60 -3.41 -19.70
CA ILE A 112 3.19 -2.15 -20.31
C ILE A 112 3.65 -2.13 -21.76
N GLY A 113 2.73 -1.83 -22.68
CA GLY A 113 3.12 -1.59 -24.05
C GLY A 113 3.16 -2.85 -24.91
N THR A 114 3.50 -2.63 -26.18
CA THR A 114 3.58 -3.68 -27.19
C THR A 114 4.86 -3.51 -28.00
N PRO A 115 5.79 -4.48 -27.99
CA PRO A 115 5.80 -5.66 -27.12
C PRO A 115 5.87 -5.25 -25.65
N ALA A 116 5.53 -6.19 -24.79
CA ALA A 116 5.47 -5.88 -23.36
C ALA A 116 6.81 -5.42 -22.84
N GLN A 117 6.76 -4.40 -21.99
CA GLN A 117 7.86 -3.99 -21.13
C GLN A 117 7.41 -4.26 -19.70
N THR A 118 8.13 -5.11 -18.99
CA THR A 118 7.73 -5.51 -17.64
C THR A 118 8.47 -4.64 -16.64
N LEU A 119 7.72 -3.92 -15.82
CA LEU A 119 8.23 -3.09 -14.75
C LEU A 119 7.65 -3.59 -13.44
N ASN A 120 8.42 -3.45 -12.36
CA ASN A 120 8.00 -3.87 -11.03
C ASN A 120 7.46 -2.66 -10.29
N LEU A 121 6.13 -2.64 -10.09
CA LEU A 121 5.46 -1.47 -9.55
C LEU A 121 4.98 -1.75 -8.12
N ASP A 122 4.92 -0.66 -7.36
CA ASP A 122 4.40 -0.68 -5.99
C ASP A 122 2.91 -0.42 -6.07
N PHE A 123 2.10 -1.47 -5.82
CA PHE A 123 0.66 -1.32 -5.85
C PHE A 123 0.22 -0.59 -4.58
N ASP A 124 -0.47 0.55 -4.75
CA ASP A 124 -0.67 1.51 -3.69
C ASP A 124 -2.15 1.85 -3.56
N THR A 125 -2.84 1.23 -2.60
CA THR A 125 -4.24 1.57 -2.36
C THR A 125 -4.42 2.95 -1.71
N GLY A 126 -3.33 3.66 -1.42
CA GLY A 126 -3.37 5.01 -0.94
C GLY A 126 -3.14 6.11 -1.96
N SER A 127 -3.12 5.79 -3.25
CA SER A 127 -2.97 6.81 -4.28
C SER A 127 -3.61 6.28 -5.55
N SER A 128 -3.66 7.15 -6.57
CA SER A 128 -4.50 6.86 -7.74
C SER A 128 -3.82 7.19 -9.05
N ASP A 129 -2.49 7.22 -9.07
CA ASP A 129 -1.70 7.44 -10.27
C ASP A 129 -0.88 6.19 -10.55
N LEU A 130 -0.83 5.81 -11.82
CA LEU A 130 0.04 4.76 -12.33
C LEU A 130 1.16 5.52 -13.01
N TRP A 131 2.33 5.58 -12.37
CA TRP A 131 3.47 6.28 -12.94
C TRP A 131 4.69 5.39 -12.94
N VAL A 132 5.57 5.64 -13.89
CA VAL A 132 6.73 4.79 -14.12
C VAL A 132 7.98 5.62 -14.38
N PHE A 133 9.10 5.10 -13.92
CA PHE A 133 10.39 5.53 -14.46
C PHE A 133 10.37 5.29 -15.97
N SER A 134 11.00 6.19 -16.73
CA SER A 134 10.89 6.12 -18.17
C SER A 134 12.15 6.64 -18.84
N SER A 135 12.18 6.46 -20.17
CA SER A 135 13.23 7.05 -20.98
C SER A 135 13.24 8.57 -20.90
N GLU A 136 12.19 9.17 -20.35
CA GLU A 136 12.05 10.61 -20.20
C GLU A 136 12.46 11.11 -18.83
N THR A 137 12.76 10.21 -17.90
CA THR A 137 13.16 10.64 -16.56
C THR A 137 14.56 11.24 -16.59
N THR A 138 14.73 12.39 -15.94
CA THR A 138 16.03 13.02 -15.79
C THR A 138 17.09 11.97 -15.46
N ALA A 139 18.15 11.92 -16.27
CA ALA A 139 19.07 10.80 -16.21
C ALA A 139 19.72 10.68 -14.83
N SER A 140 20.07 11.81 -14.22
CA SER A 140 20.71 11.79 -12.91
C SER A 140 19.80 11.27 -11.80
N GLU A 141 18.50 11.15 -12.07
CA GLU A 141 17.53 10.68 -11.09
C GLU A 141 17.15 9.22 -11.30
N VAL A 142 17.76 8.54 -12.26
CA VAL A 142 17.58 7.11 -12.49
C VAL A 142 18.83 6.41 -12.01
N ASP A 143 18.67 5.37 -11.15
CA ASP A 143 19.78 4.60 -10.58
C ASP A 143 19.37 3.13 -10.38
N GLY A 144 19.33 2.39 -11.48
CA GLY A 144 19.10 0.96 -11.45
C GLY A 144 17.70 0.52 -11.78
N GLN A 145 16.74 1.43 -11.81
CA GLN A 145 15.36 1.06 -12.10
C GLN A 145 15.23 0.61 -13.56
N THR A 146 14.25 -0.24 -13.80
CA THR A 146 13.83 -0.53 -15.17
C THR A 146 12.89 0.57 -15.65
N ILE A 147 13.11 1.03 -16.88
CA ILE A 147 12.38 2.15 -17.43
C ILE A 147 11.42 1.70 -18.52
N TYR A 148 10.31 2.43 -18.63
CA TYR A 148 9.38 2.33 -19.74
C TYR A 148 9.87 3.27 -20.85
N THR A 149 9.96 2.75 -22.06
CA THR A 149 10.36 3.54 -23.22
C THR A 149 9.16 3.60 -24.16
N PRO A 150 8.34 4.65 -24.10
CA PRO A 150 7.13 4.67 -24.93
C PRO A 150 7.42 4.62 -26.42
N SER A 151 8.57 5.13 -26.87
CA SER A 151 8.87 5.14 -28.28
C SER A 151 9.07 3.73 -28.85
N LYS A 152 9.29 2.74 -27.99
CA LYS A 152 9.43 1.35 -28.39
C LYS A 152 8.11 0.57 -28.31
N SER A 153 7.02 1.23 -27.92
CA SER A 153 5.73 0.58 -27.80
C SER A 153 4.84 1.03 -28.93
N THR A 154 4.37 0.07 -29.74
CA THR A 154 3.55 0.42 -30.89
C THR A 154 2.15 0.86 -30.50
N THR A 155 1.75 0.64 -29.25
CA THR A 155 0.43 1.01 -28.75
C THR A 155 0.45 2.26 -27.88
N ALA A 156 1.63 2.84 -27.65
CA ALA A 156 1.73 4.05 -26.84
C ALA A 156 1.27 5.27 -27.64
N LYS A 157 0.51 6.13 -26.99
CA LYS A 157 0.11 7.40 -27.56
C LYS A 157 0.26 8.48 -26.51
N LEU A 158 0.97 9.56 -26.87
CA LEU A 158 1.09 10.69 -25.97
C LEU A 158 -0.29 11.31 -25.77
N LEU A 159 -0.66 11.55 -24.51
CA LEU A 159 -1.92 12.19 -24.17
C LEU A 159 -1.64 13.68 -24.21
N SER A 160 -2.07 14.31 -25.29
CA SER A 160 -1.68 15.67 -25.62
CA SER A 160 -1.62 15.66 -25.59
C SER A 160 -2.00 16.65 -24.49
N GLY A 161 -0.99 17.39 -24.02
CA GLY A 161 -1.15 18.44 -23.05
C GLY A 161 -1.28 17.99 -21.62
N ALA A 162 -1.30 16.68 -21.36
CA ALA A 162 -1.54 16.17 -20.02
C ALA A 162 -0.24 16.10 -19.21
N THR A 163 -0.31 16.55 -17.98
CA THR A 163 0.81 16.46 -17.06
C THR A 163 0.28 15.92 -15.73
N TRP A 164 1.21 15.52 -14.87
CA TRP A 164 0.85 15.01 -13.56
C TRP A 164 1.93 15.42 -12.58
N SER A 165 1.55 15.47 -11.31
CA SER A 165 2.49 15.83 -10.25
C SER A 165 1.88 15.37 -8.95
N ILE A 166 2.66 14.62 -8.17
CA ILE A 166 2.13 14.00 -6.96
C ILE A 166 3.16 14.11 -5.86
N SER A 167 2.67 14.22 -4.64
CA SER A 167 3.53 14.12 -3.46
C SER A 167 2.86 13.20 -2.46
N TYR A 168 3.66 12.42 -1.78
CA TYR A 168 3.18 11.34 -0.93
C TYR A 168 3.41 11.70 0.53
N GLY A 169 2.83 10.88 1.41
CA GLY A 169 2.86 11.17 2.84
C GLY A 169 4.25 11.20 3.45
N ASP A 170 5.20 10.52 2.83
CA ASP A 170 6.58 10.52 3.30
C ASP A 170 7.38 11.70 2.76
N GLY A 171 6.74 12.63 2.05
CA GLY A 171 7.44 13.77 1.49
C GLY A 171 8.06 13.54 0.13
N SER A 172 7.96 12.33 -0.42
CA SER A 172 8.50 12.07 -1.74
C SER A 172 7.54 12.58 -2.80
N SER A 173 8.03 12.66 -4.04
CA SER A 173 7.26 13.28 -5.11
C SER A 173 7.80 12.87 -6.46
N SER A 174 6.97 13.08 -7.48
CA SER A 174 7.33 12.81 -8.86
C SER A 174 6.35 13.54 -9.76
N SER A 175 6.74 13.72 -11.02
CA SER A 175 5.91 14.45 -11.97
C SER A 175 6.36 14.15 -13.39
N GLY A 176 5.47 14.40 -14.36
CA GLY A 176 5.87 14.26 -15.75
C GLY A 176 4.72 14.41 -16.71
N ASP A 177 4.78 13.64 -17.80
CA ASP A 177 3.81 13.65 -18.89
C ASP A 177 3.02 12.34 -18.88
N VAL A 178 2.13 12.17 -19.86
CA VAL A 178 1.20 11.05 -19.82
C VAL A 178 1.07 10.41 -21.19
N TYR A 179 1.13 9.07 -21.22
CA TYR A 179 0.82 8.27 -22.39
C TYR A 179 -0.42 7.45 -22.06
N THR A 180 -1.14 7.03 -23.09
CA THR A 180 -2.01 5.88 -22.93
C THR A 180 -1.34 4.67 -23.59
N ASP A 181 -1.54 3.51 -23.00
CA ASP A 181 -0.93 2.29 -23.52
C ASP A 181 -1.68 1.12 -22.91
N THR A 182 -1.34 -0.07 -23.39
CA THR A 182 -1.91 -1.31 -22.88
C THR A 182 -1.15 -1.75 -21.67
N VAL A 183 -1.87 -2.07 -20.61
CA VAL A 183 -1.29 -2.46 -19.33
C VAL A 183 -1.93 -3.77 -18.92
N SER A 184 -1.11 -4.75 -18.54
CA SER A 184 -1.61 -6.04 -18.08
C SER A 184 -1.01 -6.36 -16.73
N VAL A 185 -1.84 -6.91 -15.84
CA VAL A 185 -1.44 -7.35 -14.51
C VAL A 185 -1.94 -8.78 -14.36
N GLY A 186 -1.02 -9.72 -14.27
CA GLY A 186 -1.42 -11.08 -13.94
C GLY A 186 -2.43 -11.64 -14.91
N GLY A 187 -2.30 -11.30 -16.20
CA GLY A 187 -3.21 -11.80 -17.21
C GLY A 187 -4.42 -10.94 -17.49
N LEU A 188 -4.67 -9.90 -16.71
CA LEU A 188 -5.78 -8.98 -16.92
C LEU A 188 -5.26 -7.76 -17.68
N THR A 189 -5.89 -7.46 -18.82
CA THR A 189 -5.42 -6.41 -19.72
C THR A 189 -6.40 -5.25 -19.77
N VAL A 190 -5.85 -4.03 -19.68
CA VAL A 190 -6.59 -2.79 -19.90
C VAL A 190 -5.92 -2.09 -21.08
N THR A 191 -6.71 -1.80 -22.11
CA THR A 191 -6.23 -0.94 -23.18
C THR A 191 -6.57 0.52 -22.87
N GLY A 192 -5.74 1.42 -23.36
CA GLY A 192 -5.95 2.84 -23.14
C GLY A 192 -5.74 3.30 -21.71
N GLN A 193 -4.98 2.55 -20.92
CA GLN A 193 -4.66 2.98 -19.57
C GLN A 193 -3.72 4.18 -19.60
N ALA A 194 -3.99 5.17 -18.75
CA ALA A 194 -3.05 6.28 -18.58
C ALA A 194 -1.83 5.78 -17.83
N VAL A 195 -0.67 5.89 -18.50
CA VAL A 195 0.62 5.53 -17.97
C VAL A 195 1.39 6.85 -17.83
N GLU A 196 1.63 7.25 -16.59
CA GLU A 196 2.23 8.55 -16.31
C GLU A 196 3.74 8.39 -16.30
N SER A 197 4.40 9.05 -17.23
CA SER A 197 5.83 8.92 -17.44
C SER A 197 6.54 9.96 -16.59
N ALA A 198 7.46 9.53 -15.74
CA ALA A 198 8.16 10.46 -14.86
C ALA A 198 9.23 11.23 -15.64
N LYS A 199 9.12 12.55 -15.57
CA LYS A 199 10.23 13.42 -15.89
C LYS A 199 11.14 13.72 -14.73
N LYS A 200 10.60 13.81 -13.53
CA LYS A 200 11.36 14.12 -12.35
C LYS A 200 10.86 13.18 -11.26
N VAL A 201 11.78 12.74 -10.42
CA VAL A 201 11.42 11.97 -9.23
C VAL A 201 12.29 12.49 -8.09
N SER A 202 11.77 12.40 -6.87
CA SER A 202 12.53 12.84 -5.72
C SER A 202 13.54 11.77 -5.29
N SER A 203 14.43 12.18 -4.39
CA SER A 203 15.61 11.38 -4.08
C SER A 203 15.25 9.98 -3.56
N SER A 204 14.16 9.84 -2.80
N SER A 204 14.18 9.86 -2.78
CA SER A 204 13.87 8.53 -2.24
CA SER A 204 13.82 8.56 -2.23
C SER A 204 13.46 7.53 -3.31
C SER A 204 13.53 7.56 -3.35
N PHE A 205 12.88 8.00 -4.42
CA PHE A 205 12.60 7.10 -5.53
C PHE A 205 13.89 6.72 -6.23
N THR A 206 14.75 7.70 -6.51
CA THR A 206 16.02 7.40 -7.17
C THR A 206 16.81 6.39 -6.38
N GLU A 207 16.82 6.54 -5.06
CA GLU A 207 17.66 5.73 -4.18
C GLU A 207 17.13 4.33 -3.98
N ASP A 208 15.92 4.03 -4.45
CA ASP A 208 15.33 2.71 -4.31
C ASP A 208 15.29 2.05 -5.69
N SER A 209 16.30 1.24 -5.97
CA SER A 209 16.44 0.63 -7.27
C SER A 209 15.40 -0.44 -7.54
N THR A 210 14.67 -0.89 -6.53
CA THR A 210 13.77 -2.02 -6.68
C THR A 210 12.37 -1.63 -7.15
N ILE A 211 12.01 -0.36 -7.09
CA ILE A 211 10.67 0.10 -7.41
C ILE A 211 10.73 0.93 -8.70
N ASP A 212 10.07 0.43 -9.74
CA ASP A 212 10.09 1.05 -11.06
C ASP A 212 8.94 2.03 -11.25
N GLY A 213 8.09 2.18 -10.25
CA GLY A 213 6.96 3.07 -10.33
C GLY A 213 5.87 2.61 -9.38
N LEU A 214 4.73 3.28 -9.46
N LEU A 214 4.72 3.29 -9.48
CA LEU A 214 3.59 2.99 -8.60
CA LEU A 214 3.57 3.08 -8.62
C LEU A 214 2.36 2.72 -9.45
C LEU A 214 2.36 2.70 -9.46
N LEU A 215 1.49 1.84 -8.93
CA LEU A 215 0.20 1.56 -9.54
C LEU A 215 -0.87 1.86 -8.50
N GLY A 216 -1.55 2.99 -8.67
CA GLY A 216 -2.49 3.43 -7.67
C GLY A 216 -3.80 2.68 -7.75
N LEU A 217 -4.35 2.38 -6.58
CA LEU A 217 -5.58 1.61 -6.44
C LEU A 217 -6.56 2.27 -5.47
N ALA A 218 -6.34 3.53 -5.11
CA ALA A 218 -7.38 4.30 -4.43
C ALA A 218 -8.40 4.76 -5.48
N PHE A 219 -9.30 5.65 -5.11
CA PHE A 219 -10.37 6.06 -6.01
C PHE A 219 -9.86 7.08 -7.00
N SER A 220 -10.42 7.02 -8.22
CA SER A 220 -9.88 7.82 -9.31
C SER A 220 -10.00 9.32 -9.07
N THR A 221 -10.86 9.73 -8.13
CA THR A 221 -10.98 11.16 -7.79
C THR A 221 -9.67 11.74 -7.26
N LEU A 222 -8.72 10.90 -6.82
CA LEU A 222 -7.42 11.41 -6.37
C LEU A 222 -6.39 11.48 -7.49
N ASN A 223 -6.71 11.03 -8.70
CA ASN A 223 -5.72 11.03 -9.76
C ASN A 223 -5.28 12.45 -10.08
N THR A 224 -3.96 12.64 -10.27
CA THR A 224 -3.42 14.00 -10.41
C THR A 224 -3.28 14.49 -11.85
N VAL A 225 -3.67 13.72 -12.86
CA VAL A 225 -3.45 14.17 -14.22
C VAL A 225 -4.29 15.42 -14.49
N SER A 226 -3.69 16.39 -15.13
CA SER A 226 -4.29 17.66 -15.49
C SER A 226 -4.05 17.91 -16.96
N PRO A 227 -5.01 18.51 -17.68
CA PRO A 227 -6.28 19.05 -17.21
C PRO A 227 -7.43 18.07 -17.22
N THR A 228 -7.17 16.82 -17.64
CA THR A 228 -8.20 15.77 -17.75
C THR A 228 -7.80 14.64 -16.82
N GLN A 229 -8.48 14.54 -15.70
CA GLN A 229 -8.18 13.49 -14.74
C GLN A 229 -8.40 12.11 -15.35
N GLN A 230 -7.56 11.17 -14.96
CA GLN A 230 -7.56 9.82 -15.51
C GLN A 230 -7.98 8.78 -14.47
N LYS A 231 -8.42 7.63 -14.98
CA LYS A 231 -8.91 6.53 -14.15
C LYS A 231 -7.79 5.58 -13.78
N THR A 232 -7.92 4.97 -12.59
CA THR A 232 -6.97 3.94 -12.20
C THR A 232 -7.15 2.69 -13.05
N PHE A 233 -6.13 1.85 -12.98
CA PHE A 233 -6.17 0.54 -13.61
C PHE A 233 -7.39 -0.26 -13.18
N PHE A 234 -7.69 -0.26 -11.88
CA PHE A 234 -8.84 -1.00 -11.37
C PHE A 234 -10.14 -0.42 -11.91
N ASP A 235 -10.26 0.90 -11.89
CA ASP A 235 -11.47 1.54 -12.40
C ASP A 235 -11.68 1.20 -13.87
N ASN A 236 -10.62 1.24 -14.67
CA ASN A 236 -10.75 0.89 -16.08
C ASN A 236 -11.11 -0.57 -16.26
N ALA A 237 -10.59 -1.45 -15.41
CA ALA A 237 -10.81 -2.88 -15.55
C ALA A 237 -12.20 -3.30 -15.09
N LYS A 238 -12.85 -2.49 -14.24
CA LYS A 238 -14.02 -2.93 -13.49
C LYS A 238 -15.11 -3.53 -14.37
N ALA A 239 -15.42 -2.84 -15.48
CA ALA A 239 -16.50 -3.30 -16.34
C ALA A 239 -16.29 -4.73 -16.79
N SER A 240 -15.03 -5.10 -17.05
N SER A 240 -15.03 -5.10 -17.04
CA SER A 240 -14.70 -6.41 -17.60
CA SER A 240 -14.72 -6.41 -17.60
C SER A 240 -14.53 -7.48 -16.53
C SER A 240 -14.53 -7.48 -16.53
N LEU A 241 -14.27 -7.09 -15.29
CA LEU A 241 -14.01 -8.07 -14.24
C LEU A 241 -15.26 -8.90 -13.93
N ASP A 242 -15.02 -10.16 -13.55
CA ASP A 242 -16.13 -11.02 -13.16
C ASP A 242 -16.89 -10.42 -11.99
N SER A 243 -16.17 -9.84 -11.04
CA SER A 243 -16.73 -9.15 -9.89
CA SER A 243 -16.73 -9.14 -9.91
C SER A 243 -15.87 -7.90 -9.71
N PRO A 244 -16.47 -6.75 -9.32
CA PRO A 244 -15.73 -5.49 -9.27
C PRO A 244 -14.91 -5.33 -8.00
N VAL A 245 -13.91 -6.20 -7.85
CA VAL A 245 -13.14 -6.34 -6.62
C VAL A 245 -11.68 -6.60 -6.95
N PHE A 246 -10.82 -6.23 -6.01
CA PHE A 246 -9.46 -6.78 -5.99
C PHE A 246 -9.14 -7.14 -4.55
N THR A 247 -8.17 -8.03 -4.38
CA THR A 247 -7.79 -8.49 -3.06
C THR A 247 -6.29 -8.37 -2.89
N ALA A 248 -5.89 -8.02 -1.68
CA ALA A 248 -4.50 -7.92 -1.28
C ALA A 248 -4.21 -9.00 -0.25
N ASP A 249 -3.19 -9.82 -0.54
CA ASP A 249 -2.78 -10.91 0.35
C ASP A 249 -1.27 -10.77 0.48
N LEU A 250 -0.83 -9.83 1.31
CA LEU A 250 0.59 -9.56 1.46
C LEU A 250 1.23 -10.54 2.40
N GLY A 251 2.45 -10.97 2.08
CA GLY A 251 3.18 -11.90 2.91
C GLY A 251 4.05 -11.24 3.95
N TYR A 252 4.30 -11.96 5.03
CA TYR A 252 5.29 -11.57 6.03
C TYR A 252 6.61 -12.23 5.63
N HIS A 253 7.57 -11.43 5.21
CA HIS A 253 8.88 -11.93 4.81
C HIS A 253 8.73 -13.00 3.73
N ALA A 254 7.76 -12.82 2.85
CA ALA A 254 7.45 -13.85 1.87
C ALA A 254 6.58 -13.24 0.78
N PRO A 255 6.56 -13.83 -0.41
CA PRO A 255 5.63 -13.34 -1.44
C PRO A 255 4.17 -13.55 -1.07
N GLY A 256 3.32 -12.77 -1.73
CA GLY A 256 1.88 -12.81 -1.60
C GLY A 256 1.23 -12.59 -2.95
N THR A 257 -0.02 -12.14 -2.96
CA THR A 257 -0.81 -12.10 -4.18
C THR A 257 -1.75 -10.91 -4.21
N TYR A 258 -1.85 -10.28 -5.39
CA TYR A 258 -2.96 -9.39 -5.73
C TYR A 258 -3.81 -10.10 -6.77
N ASN A 259 -5.10 -10.24 -6.48
CA ASN A 259 -6.07 -10.80 -7.42
C ASN A 259 -7.07 -9.74 -7.81
N PHE A 260 -7.50 -9.78 -9.06
CA PHE A 260 -8.48 -8.86 -9.59
C PHE A 260 -9.66 -9.66 -10.14
N GLY A 261 -10.86 -9.30 -9.69
CA GLY A 261 -12.07 -9.83 -10.28
C GLY A 261 -12.65 -11.06 -9.60
N PHE A 262 -11.98 -11.62 -8.59
CA PHE A 262 -12.48 -12.80 -7.90
C PHE A 262 -11.88 -12.86 -6.50
N ILE A 263 -12.55 -13.62 -5.64
N ILE A 263 -12.61 -13.57 -5.64
CA ILE A 263 -12.10 -13.83 -4.27
CA ILE A 263 -12.19 -13.93 -4.30
C ILE A 263 -11.71 -15.30 -4.13
C ILE A 263 -11.64 -15.36 -4.35
N ASP A 264 -10.42 -15.54 -3.88
CA ASP A 264 -9.86 -16.89 -3.74
C ASP A 264 -10.25 -17.40 -2.36
N THR A 265 -11.26 -18.27 -2.32
CA THR A 265 -11.77 -18.75 -1.03
C THR A 265 -10.81 -19.71 -0.35
N THR A 266 -9.73 -20.11 -1.02
CA THR A 266 -8.70 -20.93 -0.39
C THR A 266 -7.61 -20.10 0.29
N ALA A 267 -7.64 -18.77 0.15
CA ALA A 267 -6.54 -17.93 0.60
C ALA A 267 -6.72 -17.37 2.00
N TYR A 268 -7.80 -17.71 2.68
CA TYR A 268 -8.06 -17.18 4.01
C TYR A 268 -8.75 -18.25 4.83
N THR A 269 -8.77 -18.03 6.14
CA THR A 269 -9.43 -18.90 7.08
C THR A 269 -10.69 -18.22 7.58
N GLY A 270 -11.67 -19.02 7.98
CA GLY A 270 -12.91 -18.48 8.51
C GLY A 270 -13.65 -17.66 7.48
N SER A 271 -14.31 -16.61 7.96
N SER A 271 -14.28 -16.59 7.96
CA SER A 271 -15.12 -15.77 7.11
CA SER A 271 -15.14 -15.75 7.14
C SER A 271 -14.44 -14.42 6.86
C SER A 271 -14.54 -14.37 6.93
N ILE A 272 -14.92 -13.75 5.82
CA ILE A 272 -14.55 -12.37 5.54
C ILE A 272 -15.59 -11.48 6.20
N THR A 273 -15.14 -10.52 7.01
CA THR A 273 -16.02 -9.54 7.63
C THR A 273 -15.93 -8.24 6.84
N TYR A 274 -17.05 -7.81 6.29
CA TYR A 274 -17.11 -6.59 5.52
C TYR A 274 -17.52 -5.41 6.39
N THR A 275 -16.99 -4.24 6.03
CA THR A 275 -17.17 -3.01 6.80
C THR A 275 -17.30 -1.85 5.82
N ALA A 276 -18.03 -0.83 6.24
CA ALA A 276 -18.34 0.29 5.35
C ALA A 276 -17.12 1.13 5.03
N VAL A 277 -17.16 1.74 3.86
CA VAL A 277 -16.11 2.62 3.36
C VAL A 277 -16.69 3.99 3.09
N SER A 278 -15.94 5.03 3.43
CA SER A 278 -16.21 6.37 2.97
C SER A 278 -15.24 6.69 1.84
N THR A 279 -15.77 7.14 0.71
CA THR A 279 -14.95 7.56 -0.42
C THR A 279 -14.72 9.07 -0.44
N LYS A 280 -15.16 9.78 0.60
CA LYS A 280 -15.20 11.24 0.54
C LYS A 280 -13.81 11.86 0.38
N GLN A 281 -12.76 11.23 0.91
CA GLN A 281 -11.40 11.72 0.76
C GLN A 281 -10.64 11.00 -0.34
N GLY A 282 -11.30 10.11 -1.09
CA GLY A 282 -10.67 9.36 -2.15
C GLY A 282 -9.94 8.11 -1.73
N PHE A 283 -9.97 7.76 -0.45
CA PHE A 283 -9.26 6.62 0.10
C PHE A 283 -10.24 5.50 0.45
N TRP A 284 -9.68 4.32 0.68
CA TRP A 284 -10.41 3.19 1.25
C TRP A 284 -10.45 3.42 2.76
N GLU A 285 -11.35 4.31 3.15
CA GLU A 285 -11.43 4.81 4.52
C GLU A 285 -12.54 4.06 5.25
N TRP A 286 -12.22 3.54 6.42
CA TRP A 286 -13.12 2.69 7.19
C TRP A 286 -12.92 2.98 8.66
N THR A 287 -13.71 2.32 9.50
CA THR A 287 -13.65 2.54 10.95
C THR A 287 -13.43 1.20 11.64
N SER A 288 -12.27 1.03 12.24
CA SER A 288 -12.02 -0.12 13.08
C SER A 288 -12.80 0.01 14.38
N THR A 289 -13.19 -1.12 14.94
CA THR A 289 -14.00 -1.16 16.15
C THR A 289 -13.19 -1.25 17.44
N GLY A 290 -11.87 -1.32 17.37
CA GLY A 290 -11.07 -1.24 18.58
C GLY A 290 -9.79 -2.04 18.47
N TYR A 291 -9.17 -2.26 19.62
CA TYR A 291 -7.86 -2.91 19.61
C TYR A 291 -7.58 -3.61 20.93
N ALA A 292 -6.60 -4.52 20.87
CA ALA A 292 -6.03 -5.12 22.06
C ALA A 292 -4.51 -5.19 21.90
N VAL A 293 -3.82 -5.16 23.02
CA VAL A 293 -2.37 -5.32 23.07
C VAL A 293 -2.06 -6.67 23.69
N GLY A 294 -1.34 -7.50 22.93
CA GLY A 294 -1.00 -8.84 23.41
C GLY A 294 -2.24 -9.59 23.86
N SER A 295 -2.16 -10.20 25.03
CA SER A 295 -3.26 -10.97 25.60
CA SER A 295 -3.27 -10.97 25.59
C SER A 295 -4.24 -10.09 26.37
N GLY A 296 -4.11 -8.78 26.29
CA GLY A 296 -4.94 -7.87 27.05
C GLY A 296 -6.37 -7.82 26.56
N THR A 297 -7.20 -7.16 27.36
CA THR A 297 -8.61 -7.05 27.01
C THR A 297 -8.78 -6.14 25.81
N PHE A 298 -9.78 -6.46 25.00
CA PHE A 298 -10.09 -5.65 23.85
C PHE A 298 -10.77 -4.36 24.28
N LYS A 299 -10.28 -3.24 23.74
CA LYS A 299 -10.86 -1.93 23.96
C LYS A 299 -11.75 -1.58 22.77
N SER A 300 -13.05 -1.44 23.03
CA SER A 300 -13.99 -1.05 21.99
C SER A 300 -13.93 0.46 21.83
N THR A 301 -13.52 0.90 20.65
CA THR A 301 -13.37 2.31 20.36
C THR A 301 -13.25 2.47 18.85
N SER A 302 -13.93 3.48 18.31
CA SER A 302 -13.90 3.67 16.86
C SER A 302 -12.61 4.34 16.44
N ILE A 303 -11.93 3.75 15.46
CA ILE A 303 -10.69 4.29 14.90
C ILE A 303 -10.86 4.39 13.40
N ASP A 304 -11.05 5.62 12.91
CA ASP A 304 -11.16 5.87 11.49
CA ASP A 304 -11.17 5.85 11.49
C ASP A 304 -9.78 5.84 10.86
N GLY A 305 -9.66 5.18 9.72
CA GLY A 305 -8.37 5.18 9.06
C GLY A 305 -8.49 4.64 7.66
N ILE A 306 -7.34 4.56 6.96
CA ILE A 306 -7.34 4.11 5.58
C ILE A 306 -6.57 2.80 5.44
N ALA A 307 -7.05 1.94 4.55
CA ALA A 307 -6.32 0.73 4.17
C ALA A 307 -5.36 1.12 3.04
N ASP A 308 -4.06 1.12 3.36
CA ASP A 308 -3.04 1.70 2.47
C ASP A 308 -1.87 0.75 2.26
N THR A 309 -1.89 0.02 1.14
CA THR A 309 -0.84 -0.94 0.86
C THR A 309 0.50 -0.26 0.57
N GLY A 310 0.49 1.02 0.24
CA GLY A 310 1.69 1.77 -0.05
C GLY A 310 2.37 2.42 1.13
N THR A 311 1.81 2.28 2.33
CA THR A 311 2.45 2.73 3.56
C THR A 311 2.95 1.49 4.28
N THR A 312 4.20 1.55 4.76
CA THR A 312 4.82 0.37 5.35
C THR A 312 4.22 0.03 6.71
N LEU A 313 4.07 1.04 7.57
CA LEU A 313 3.76 0.85 8.97
C LEU A 313 2.29 1.07 9.30
N LEU A 314 1.96 0.82 10.56
CA LEU A 314 0.64 1.01 11.13
C LEU A 314 0.69 2.29 11.96
N TYR A 315 -0.08 3.31 11.53
CA TYR A 315 -0.09 4.61 12.20
C TYR A 315 -1.45 4.80 12.88
N LEU A 316 -1.43 4.94 14.20
CA LEU A 316 -2.64 4.98 15.00
C LEU A 316 -2.59 6.11 16.01
N PRO A 317 -3.71 6.42 16.66
CA PRO A 317 -3.71 7.53 17.61
C PRO A 317 -2.67 7.33 18.72
N ALA A 318 -2.17 8.45 19.22
CA ALA A 318 -1.11 8.42 20.21
C ALA A 318 -1.48 7.62 21.46
N THR A 319 -2.76 7.66 21.87
CA THR A 319 -3.19 6.90 23.04
C THR A 319 -3.01 5.41 22.82
N VAL A 320 -3.41 4.94 21.64
CA VAL A 320 -3.32 3.52 21.30
C VAL A 320 -1.85 3.09 21.24
N VAL A 321 -1.03 3.89 20.57
CA VAL A 321 0.37 3.54 20.38
C VAL A 321 1.13 3.54 21.70
N SER A 322 0.83 4.50 22.57
CA SER A 322 1.44 4.52 23.90
C SER A 322 1.06 3.26 24.67
N ALA A 323 -0.21 2.86 24.61
CA ALA A 323 -0.64 1.63 25.28
C ALA A 323 0.10 0.41 24.77
N TYR A 324 0.39 0.35 23.47
CA TYR A 324 1.15 -0.77 22.92
C TYR A 324 2.58 -0.77 23.46
N TRP A 325 3.30 0.34 23.28
CA TRP A 325 4.73 0.34 23.59
C TRP A 325 4.99 0.31 25.09
N ALA A 326 4.01 0.67 25.92
CA ALA A 326 4.14 0.52 27.36
C ALA A 326 4.33 -0.93 27.77
N GLN A 327 3.96 -1.88 26.92
CA GLN A 327 4.11 -3.30 27.21
C GLN A 327 5.47 -3.85 26.79
N VAL A 328 6.37 -3.01 26.29
CA VAL A 328 7.68 -3.43 25.83
C VAL A 328 8.71 -2.73 26.72
N SER A 329 9.44 -3.49 27.53
CA SER A 329 10.43 -2.91 28.43
CA SER A 329 10.41 -2.89 28.44
C SER A 329 11.48 -2.16 27.64
N GLY A 330 11.71 -0.90 28.01
CA GLY A 330 12.73 -0.12 27.37
C GLY A 330 12.27 0.63 26.14
N ALA A 331 11.05 0.41 25.67
CA ALA A 331 10.59 1.15 24.51
C ALA A 331 10.32 2.60 24.87
N LYS A 332 10.57 3.49 23.91
CA LYS A 332 10.37 4.92 24.11
C LYS A 332 10.18 5.58 22.77
N SER A 333 9.55 6.76 22.80
CA SER A 333 9.48 7.59 21.60
C SER A 333 10.72 8.47 21.55
N SER A 334 11.43 8.39 20.43
CA SER A 334 12.63 9.17 20.20
C SER A 334 12.36 10.24 19.16
N SER A 335 12.46 11.51 19.56
CA SER A 335 12.30 12.58 18.60
CA SER A 335 12.30 12.59 18.61
C SER A 335 13.43 12.59 17.59
N SER A 336 14.64 12.21 17.99
CA SER A 336 15.77 12.22 17.06
C SER A 336 15.65 11.13 16.01
N VAL A 337 15.12 9.96 16.39
CA VAL A 337 14.95 8.91 15.40
C VAL A 337 13.69 9.13 14.58
N GLY A 338 12.64 9.68 15.17
CA GLY A 338 11.40 9.91 14.48
C GLY A 338 10.29 8.95 14.83
N GLY A 339 10.31 8.33 16.00
CA GLY A 339 9.24 7.48 16.43
C GLY A 339 9.66 6.59 17.58
N TYR A 340 8.78 5.63 17.86
CA TYR A 340 9.04 4.65 18.90
C TYR A 340 10.15 3.70 18.46
N VAL A 341 11.07 3.47 19.38
CA VAL A 341 12.16 2.51 19.24
C VAL A 341 12.10 1.60 20.45
N PHE A 342 12.72 0.44 20.33
CA PHE A 342 12.67 -0.54 21.40
C PHE A 342 13.94 -1.38 21.38
N PRO A 343 14.30 -2.00 22.50
CA PRO A 343 15.52 -2.80 22.51
C PRO A 343 15.40 -3.96 21.54
N CYS A 344 16.42 -4.15 20.69
CA CYS A 344 16.32 -5.24 19.72
C CYS A 344 16.26 -6.61 20.39
N SER A 345 16.63 -6.71 21.67
CA SER A 345 16.51 -7.95 22.42
C SER A 345 15.09 -8.28 22.86
N ALA A 346 14.13 -7.39 22.65
CA ALA A 346 12.77 -7.62 23.12
C ALA A 346 12.03 -8.59 22.21
N THR A 347 11.09 -9.32 22.82
CA THR A 347 10.06 -10.05 22.09
C THR A 347 8.80 -9.20 22.17
N LEU A 348 8.25 -8.83 21.02
CA LEU A 348 7.14 -7.88 21.00
C LEU A 348 5.80 -8.58 21.17
N PRO A 349 4.84 -7.92 21.83
CA PRO A 349 3.49 -8.46 21.91
C PRO A 349 2.76 -8.28 20.59
N SER A 350 1.75 -9.11 20.40
CA SER A 350 0.87 -8.94 19.25
C SER A 350 0.02 -7.69 19.42
N PHE A 351 -0.63 -7.30 18.34
CA PHE A 351 -1.60 -6.21 18.33
C PHE A 351 -2.82 -6.66 17.56
N THR A 352 -3.98 -6.53 18.18
CA THR A 352 -5.24 -6.93 17.55
C THR A 352 -6.02 -5.69 17.17
N PHE A 353 -6.60 -5.67 15.96
CA PHE A 353 -7.56 -4.64 15.59
C PHE A 353 -8.91 -5.24 15.23
N GLY A 354 -9.95 -4.47 15.50
CA GLY A 354 -11.31 -4.91 15.25
C GLY A 354 -11.82 -4.52 13.87
N VAL A 355 -12.52 -5.47 13.26
CA VAL A 355 -13.27 -5.24 12.02
C VAL A 355 -14.68 -5.71 12.35
N GLY A 356 -15.61 -4.78 12.56
CA GLY A 356 -16.89 -5.18 13.11
C GLY A 356 -16.68 -6.01 14.36
N SER A 357 -17.36 -7.15 14.44
CA SER A 357 -17.22 -8.04 15.58
CA SER A 357 -17.23 -8.06 15.57
C SER A 357 -16.03 -8.99 15.44
N ALA A 358 -15.32 -8.95 14.32
CA ALA A 358 -14.18 -9.81 14.07
C ALA A 358 -12.89 -9.14 14.53
N ARG A 359 -11.83 -9.93 14.58
CA ARG A 359 -10.56 -9.49 15.12
C ARG A 359 -9.46 -9.98 14.20
N ILE A 360 -8.51 -9.10 13.89
CA ILE A 360 -7.31 -9.46 13.13
C ILE A 360 -6.12 -9.29 14.08
N VAL A 361 -5.32 -10.35 14.20
CA VAL A 361 -4.18 -10.35 15.11
C VAL A 361 -2.89 -10.16 14.31
N ILE A 362 -2.17 -9.10 14.63
CA ILE A 362 -0.84 -8.85 14.06
C ILE A 362 0.18 -9.49 15.00
N PRO A 363 0.91 -10.52 14.58
CA PRO A 363 1.93 -11.09 15.47
C PRO A 363 3.01 -10.07 15.81
N GLY A 364 3.56 -10.19 17.03
CA GLY A 364 4.60 -9.28 17.47
C GLY A 364 5.75 -9.14 16.50
N ASP A 365 6.17 -10.25 15.88
N ASP A 365 6.18 -10.25 15.88
CA ASP A 365 7.31 -10.19 14.98
CA ASP A 365 7.33 -10.15 15.01
C ASP A 365 7.04 -9.24 13.81
C ASP A 365 7.03 -9.46 13.68
N TYR A 366 5.77 -9.08 13.42
CA TYR A 366 5.48 -8.20 12.28
C TYR A 366 5.77 -6.73 12.60
N ILE A 367 5.90 -6.41 13.89
CA ILE A 367 6.06 -5.03 14.38
C ILE A 367 7.54 -4.66 14.53
N ASP A 368 8.45 -5.59 14.28
CA ASP A 368 9.89 -5.36 14.41
C ASP A 368 10.45 -4.92 13.05
N PHE A 369 10.92 -3.68 12.98
CA PHE A 369 11.54 -3.17 11.76
C PHE A 369 13.05 -3.03 11.87
N GLY A 370 13.66 -3.71 12.83
CA GLY A 370 15.08 -3.88 12.84
C GLY A 370 15.86 -2.67 13.32
N PRO A 371 17.18 -2.79 13.33
CA PRO A 371 18.01 -1.74 13.90
C PRO A 371 17.80 -0.39 13.21
N ILE A 372 17.84 0.67 14.02
CA ILE A 372 17.62 2.01 13.49
C ILE A 372 18.73 2.40 12.52
N SER A 373 19.91 1.86 12.73
CA SER A 373 21.08 2.02 11.86
C SER A 373 21.87 0.74 11.97
N THR A 374 22.70 0.46 10.97
CA THR A 374 23.40 -0.82 10.96
C THR A 374 24.21 -1.00 12.23
N GLY A 375 24.01 -2.14 12.88
CA GLY A 375 24.76 -2.50 14.06
C GLY A 375 24.18 -1.95 15.35
N SER A 376 23.13 -1.14 15.30
CA SER A 376 22.52 -0.63 16.51
C SER A 376 21.72 -1.71 17.21
N SER A 377 21.65 -1.61 18.55
CA SER A 377 20.77 -2.45 19.35
C SER A 377 19.43 -1.78 19.64
N SER A 378 19.18 -0.61 19.06
CA SER A 378 17.88 0.02 19.13
CA SER A 378 17.87 0.03 19.13
C SER A 378 17.14 -0.30 17.83
N CYS A 379 15.93 -0.81 17.96
CA CYS A 379 15.14 -1.25 16.83
C CYS A 379 13.93 -0.34 16.62
N PHE A 380 13.50 -0.23 15.37
CA PHE A 380 12.43 0.67 15.03
C PHE A 380 11.08 -0.05 15.06
N GLY A 381 10.10 0.59 15.70
CA GLY A 381 8.79 -0.02 15.85
C GLY A 381 7.90 0.09 14.61
N GLY A 382 7.07 -0.93 14.43
CA GLY A 382 6.16 -0.96 13.29
C GLY A 382 4.80 -0.36 13.54
N ILE A 383 4.53 0.05 14.78
CA ILE A 383 3.34 0.78 15.15
C ILE A 383 3.81 2.15 15.61
N GLN A 384 3.29 3.19 14.98
CA GLN A 384 3.75 4.54 15.23
C GLN A 384 2.54 5.45 15.36
N SER A 385 2.76 6.62 15.98
CA SER A 385 1.69 7.58 16.15
C SER A 385 1.32 8.27 14.84
N SER A 386 0.02 8.42 14.60
CA SER A 386 -0.49 9.21 13.49
C SER A 386 -0.66 10.68 13.84
N ALA A 387 -0.30 11.09 15.06
N ALA A 387 -0.28 11.09 15.06
CA ALA A 387 -0.45 12.50 15.42
CA ALA A 387 -0.66 12.42 15.54
C ALA A 387 0.45 13.36 14.54
C ALA A 387 -0.24 13.54 14.59
N GLY A 388 -0.15 14.35 13.89
N GLY A 388 0.92 13.40 13.93
CA GLY A 388 0.53 15.22 12.98
CA GLY A 388 1.42 14.40 13.01
C GLY A 388 0.34 14.82 11.53
C GLY A 388 0.98 14.22 11.57
N ILE A 389 0.09 13.53 11.28
N ILE A 389 0.19 13.20 11.27
CA ILE A 389 -0.19 13.07 9.92
CA ILE A 389 -0.24 12.90 9.91
C ILE A 389 -1.62 13.35 9.51
C ILE A 389 -1.56 13.57 9.57
N GLY A 390 -2.54 13.47 10.48
CA GLY A 390 -3.89 13.89 10.21
C GLY A 390 -4.83 12.76 9.84
N ILE A 391 -4.33 11.55 9.72
CA ILE A 391 -5.16 10.39 9.42
C ILE A 391 -4.48 9.16 9.97
N ASN A 392 -5.29 8.20 10.43
CA ASN A 392 -4.75 6.91 10.80
C ASN A 392 -4.58 6.05 9.56
N ILE A 393 -3.52 5.24 9.55
CA ILE A 393 -3.15 4.48 8.36
C ILE A 393 -2.92 3.03 8.72
N PHE A 394 -3.78 2.16 8.19
CA PHE A 394 -3.59 0.72 8.26
C PHE A 394 -2.72 0.35 7.08
N GLY A 395 -1.40 0.47 7.28
CA GLY A 395 -0.43 0.12 6.28
C GLY A 395 -0.09 -1.36 6.29
N ASP A 396 1.03 -1.69 5.63
CA ASP A 396 1.37 -3.09 5.39
C ASP A 396 1.43 -3.89 6.69
N VAL A 397 1.95 -3.30 7.78
CA VAL A 397 2.07 -4.05 9.04
C VAL A 397 0.73 -4.67 9.41
N ALA A 398 -0.35 -3.92 9.23
CA ALA A 398 -1.69 -4.40 9.54
C ALA A 398 -2.24 -5.26 8.41
N LEU A 399 -2.09 -4.81 7.16
CA LEU A 399 -2.77 -5.50 6.08
C LEU A 399 -2.17 -6.88 5.83
N LYS A 400 -0.87 -7.04 6.05
CA LYS A 400 -0.23 -8.34 5.82
CA LYS A 400 -0.28 -8.35 5.79
C LYS A 400 -0.71 -9.42 6.79
N ALA A 401 -1.35 -9.04 7.88
CA ALA A 401 -1.93 -9.99 8.81
C ALA A 401 -3.28 -10.51 8.34
N ALA A 402 -3.78 -10.02 7.21
CA ALA A 402 -5.14 -10.32 6.77
C ALA A 402 -5.18 -10.61 5.28
N PHE A 403 -6.27 -11.23 4.87
CA PHE A 403 -6.70 -11.26 3.48
C PHE A 403 -7.72 -10.14 3.33
N VAL A 404 -7.43 -9.19 2.44
CA VAL A 404 -8.18 -7.94 2.38
C VAL A 404 -8.88 -7.82 1.03
N VAL A 405 -10.19 -7.61 1.08
CA VAL A 405 -11.03 -7.43 -0.10
C VAL A 405 -11.33 -5.95 -0.26
N PHE A 406 -10.96 -5.42 -1.42
CA PHE A 406 -11.28 -4.05 -1.83
C PHE A 406 -12.44 -4.17 -2.79
N ASN A 407 -13.66 -3.96 -2.28
CA ASN A 407 -14.88 -4.15 -3.07
C ASN A 407 -15.28 -2.82 -3.69
N GLY A 408 -15.11 -2.73 -5.01
CA GLY A 408 -15.38 -1.53 -5.77
C GLY A 408 -16.73 -1.51 -6.44
N ALA A 409 -17.70 -2.19 -5.85
CA ALA A 409 -19.08 -2.06 -6.23
C ALA A 409 -19.54 -0.60 -6.08
N THR A 410 -20.76 -0.35 -6.57
CA THR A 410 -21.29 1.00 -6.58
C THR A 410 -21.19 1.67 -5.22
N THR A 411 -21.50 0.92 -4.16
CA THR A 411 -21.18 1.33 -2.81
C THR A 411 -19.99 0.50 -2.36
N PRO A 412 -18.78 1.04 -2.35
CA PRO A 412 -17.61 0.24 -1.98
C PRO A 412 -17.65 -0.21 -0.53
N THR A 413 -17.03 -1.37 -0.26
CA THR A 413 -16.81 -1.86 1.09
C THR A 413 -15.43 -2.48 1.15
N LEU A 414 -14.94 -2.70 2.38
N LEU A 414 -15.05 -2.88 2.36
CA LEU A 414 -13.73 -3.47 2.62
CA LEU A 414 -13.72 -3.43 2.66
C LEU A 414 -14.10 -4.75 3.36
C LEU A 414 -13.91 -4.68 3.51
N GLY A 415 -13.36 -5.80 3.06
CA GLY A 415 -13.48 -7.07 3.77
C GLY A 415 -12.14 -7.49 4.34
N PHE A 416 -12.17 -8.06 5.54
CA PHE A 416 -10.97 -8.58 6.18
C PHE A 416 -11.23 -10.00 6.66
N ALA A 417 -10.28 -10.88 6.42
CA ALA A 417 -10.29 -12.23 6.96
C ALA A 417 -8.90 -12.54 7.52
N SER A 418 -8.87 -13.41 8.53
CA SER A 418 -7.62 -14.00 8.97
C SER A 418 -7.13 -14.99 7.93
N LYS A 419 -5.86 -15.37 8.04
CA LYS A 419 -5.28 -16.27 7.04
C LYS A 419 -4.15 -17.07 7.63
C1 GOL B . -3.30 -14.28 10.34
O1 GOL B . -4.54 -13.66 10.22
C2 GOL B . -2.46 -13.45 11.31
O2 GOL B . -2.94 -13.50 12.62
C3 GOL B . -1.03 -14.04 11.18
O3 GOL B . -1.10 -15.32 11.75
H11 GOL B . -3.38 -15.18 10.67
H12 GOL B . -2.85 -14.34 9.49
HO1 GOL B . -4.39 -12.83 10.10
H2 GOL B . -2.47 -12.51 11.07
HO2 GOL B . -2.29 -13.41 13.15
H31 GOL B . -0.40 -13.45 11.63
H32 GOL B . -0.77 -14.04 10.25
HO3 GOL B . -0.38 -15.73 11.50
N1 ZS7 C . 2.42 6.08 1.63
C7 ZS7 C . 3.10 5.92 -0.60
C1 ZS7 C . 3.67 6.54 1.56
C5 ZS7 C . 4.49 6.05 -2.52
C6 ZS7 C . 3.26 5.71 -1.96
C4 ZS7 C . 5.51 6.58 -1.75
C3 ZS7 C . 5.35 6.79 -0.39
C2 ZS7 C . 4.13 6.46 0.17
N ZS7 C . 0.81 5.23 0.09
C ZS7 C . 2.01 5.70 0.37
O ZS7 C . 4.37 6.97 2.48
H4 ZS7 C . 4.62 5.92 -3.44
H5 ZS7 C . 2.56 5.35 -2.49
H3 ZS7 C . 6.34 6.80 -2.15
H2 ZS7 C . 6.04 7.16 0.13
H ZS7 C . 0.19 5.13 0.75
H1 ZS7 C . 0.61 4.99 -0.77
N1 ZS7 D . 6.81 15.81 -22.32
C7 ZS7 D . 8.65 14.66 -23.18
C1 ZS7 D . 6.43 15.23 -23.43
C5 ZS7 D . 9.93 13.18 -24.50
C6 ZS7 D . 9.87 14.05 -23.42
C4 ZS7 D . 8.83 12.93 -25.30
C3 ZS7 D . 7.61 13.54 -25.06
C2 ZS7 D . 7.55 14.41 -24.00
C ZS7 D . 8.14 15.67 -22.24
O ZS7 D . 5.28 15.26 -23.86
H4 ZS7 D . 10.76 12.74 -24.69
H5 ZS7 D . 10.62 14.21 -22.87
H3 ZS7 D . 8.91 12.32 -26.02
H2 ZS7 D . 6.87 13.37 -25.60
S DMS E . 6.56 4.55 3.46
O DMS E . 5.46 4.13 4.35
C1 DMS E . 6.53 3.53 1.96
C2 DMS E . 8.22 4.13 4.04
H11 DMS E . 5.76 3.88 1.32
H12 DMS E . 6.33 2.52 2.23
H13 DMS E . 7.46 3.60 1.47
H21 DMS E . 8.24 3.13 4.40
H22 DMS E . 8.92 4.23 3.25
H23 DMS E . 8.49 4.79 4.83
C1 GOL F . -4.49 11.28 13.31
O1 GOL F . -5.75 11.61 12.82
C2 GOL F . -4.43 11.62 14.82
O2 GOL F . -3.41 10.97 15.46
C3 GOL F . -5.78 11.24 15.45
O3 GOL F . -5.61 11.40 16.85
H11 GOL F . -3.79 11.77 12.85
H12 GOL F . -4.28 10.34 13.19
HO1 GOL F . -6.13 10.87 12.61
H2 GOL F . -4.27 12.58 14.90
HO2 GOL F . -3.38 11.24 16.27
H31 GOL F . -6.01 10.34 15.18
H32 GOL F . -6.47 11.80 15.08
HO3 GOL F . -6.32 11.10 17.22
S DMS G . 0.49 -16.47 -10.13
O DMS G . -0.49 -17.27 -10.93
C1 DMS G . -0.43 -15.54 -8.87
C2 DMS G . 1.15 -15.14 -11.17
H11 DMS G . -0.33 -14.50 -9.07
H12 DMS G . -0.04 -15.75 -7.92
H13 DMS G . -1.45 -15.81 -8.92
H21 DMS G . 0.85 -14.20 -10.78
H22 DMS G . 0.76 -15.24 -12.16
H23 DMS G . 2.20 -15.20 -11.21
S DMS H . 12.68 12.42 -0.46
O DMS H . 12.27 11.75 -1.73
C1 DMS H . 11.44 11.99 0.79
C2 DMS H . 12.32 14.18 -0.66
H11 DMS H . 10.48 12.04 0.36
H12 DMS H . 11.50 12.69 1.60
H13 DMS H . 11.62 11.02 1.16
H21 DMS H . 13.22 14.72 -0.79
H22 DMS H . 11.83 14.54 0.21
H23 DMS H . 11.69 14.33 -1.50
S DMS I . -1.15 8.19 3.16
O DMS I . 0.30 7.88 2.97
C1 DMS I . -1.99 7.91 1.57
C2 DMS I . -1.33 10.00 3.22
H11 DMS I . -3.02 8.15 1.66
H12 DMS I . -1.88 6.90 1.28
H13 DMS I . -1.56 8.54 0.83
H21 DMS I . -0.48 10.41 3.71
H22 DMS I . -2.20 10.24 3.76
H23 DMS I . -1.39 10.39 2.24
#